data_9EN4
#
_entry.id   9EN4
#
_cell.length_a   61.489
_cell.length_b   64.370
_cell.length_c   76.937
_cell.angle_alpha   90.00
_cell.angle_beta   90.00
_cell.angle_gamma   90.00
#
_symmetry.space_group_name_H-M   'P 21 21 21'
#
loop_
_entity.id
_entity.type
_entity.pdbx_description
1 polymer 'Outer capsid protein VP8*'
2 water water
#
_entity_poly.entity_id   1
_entity_poly.type   'polypeptide(L)'
_entity_poly.pdbx_seq_one_letter_code
;EITGPYTNTIIKLSDLSGSNVWVLYQKPTSTVKLLKNGPESYSWNLAAFELWYGKANTTVTSDYYSGMTNSEKSVEVDHD
SLVLFWNEGSTALSNKVINFSWNVGGVLIKLTSNTRIDVCMADMDNFTSDSFNWEEWTHNFPRSESMNIYTDYYLASVDP
YSQIR
;
_entity_poly.pdbx_strand_id   A,B
#
# COMPACT_ATOMS: atom_id res chain seq x y z
N GLU A 1 17.91 2.65 -23.62
CA GLU A 1 17.17 2.00 -22.52
C GLU A 1 17.26 2.86 -21.25
N ILE A 2 18.48 3.13 -20.80
CA ILE A 2 18.75 4.05 -19.71
C ILE A 2 19.29 5.34 -20.31
N THR A 3 18.68 6.46 -19.96
CA THR A 3 19.06 7.77 -20.48
C THR A 3 19.62 8.62 -19.35
N GLY A 4 20.50 9.56 -19.70
CA GLY A 4 21.18 10.41 -18.74
C GLY A 4 22.68 10.53 -19.06
N PRO A 5 23.50 11.12 -18.17
CA PRO A 5 23.03 11.69 -16.91
C PRO A 5 22.29 13.02 -17.06
N TYR A 6 21.42 13.32 -16.09
CA TYR A 6 20.65 14.55 -16.06
C TYR A 6 21.09 15.39 -14.86
N THR A 7 21.00 16.73 -15.01
CA THR A 7 21.42 17.65 -13.97
C THR A 7 20.30 18.62 -13.63
N ASN A 8 19.04 18.22 -13.90
CA ASN A 8 17.89 19.01 -13.52
C ASN A 8 17.61 18.81 -12.03
N THR A 9 16.79 19.70 -11.47
CA THR A 9 16.31 19.56 -10.11
C THR A 9 14.79 19.38 -10.09
N ILE A 10 14.18 19.27 -11.29
CA ILE A 10 12.74 19.13 -11.42
C ILE A 10 12.44 18.17 -12.57
N ILE A 11 11.79 17.03 -12.24
CA ILE A 11 11.26 16.12 -13.23
C ILE A 11 9.77 16.43 -13.43
N LYS A 12 9.31 16.34 -14.68
CA LYS A 12 7.89 16.45 -14.99
C LYS A 12 7.33 15.05 -15.24
N LEU A 13 6.37 14.64 -14.39
CA LEU A 13 5.82 13.30 -14.43
C LEU A 13 4.41 13.30 -15.01
N SER A 14 3.95 14.46 -15.48
CA SER A 14 2.59 14.61 -16.00
C SER A 14 2.51 14.03 -17.42
N ASP A 15 3.45 14.43 -18.28
CA ASP A 15 3.39 14.13 -19.70
C ASP A 15 3.93 12.73 -20.01
N LEU A 16 4.42 12.03 -18.98
CA LEU A 16 4.99 10.69 -19.16
C LEU A 16 3.88 9.72 -19.56
N SER A 17 4.05 9.08 -20.73
CA SER A 17 3.07 8.16 -21.28
C SER A 17 3.62 6.73 -21.18
N GLY A 18 3.72 6.23 -19.95
CA GLY A 18 4.17 4.87 -19.69
C GLY A 18 3.71 4.40 -18.31
N SER A 19 3.75 3.08 -18.10
CA SER A 19 3.31 2.48 -16.85
C SER A 19 4.33 2.71 -15.73
N ASN A 20 5.62 2.66 -16.09
CA ASN A 20 6.69 2.60 -15.10
C ASN A 20 7.76 3.65 -15.42
N VAL A 21 8.38 4.18 -14.36
CA VAL A 21 9.48 5.13 -14.47
C VAL A 21 10.49 4.83 -13.36
N TRP A 22 11.74 4.55 -13.75
CA TRP A 22 12.82 4.34 -12.82
C TRP A 22 13.64 5.63 -12.69
N VAL A 23 14.09 5.93 -11.46
CA VAL A 23 14.94 7.08 -11.18
C VAL A 23 16.23 6.56 -10.55
N LEU A 24 17.28 6.42 -11.38
CA LEU A 24 18.50 5.73 -11.00
C LEU A 24 19.55 6.73 -10.56
N TYR A 25 20.53 6.21 -9.80
CA TYR A 25 21.60 7.00 -9.21
C TYR A 25 22.87 6.17 -9.14
N GLN A 26 24.02 6.77 -9.47
CA GLN A 26 25.30 6.13 -9.23
C GLN A 26 25.64 6.26 -7.75
N LYS A 27 26.10 5.15 -7.17
CA LYS A 27 26.33 5.04 -5.74
C LYS A 27 27.26 6.15 -5.27
N PRO A 28 26.75 7.14 -4.50
CA PRO A 28 27.59 8.22 -3.96
C PRO A 28 28.60 7.70 -2.93
N THR A 29 29.59 8.55 -2.63
CA THR A 29 30.64 8.20 -1.68
C THR A 29 30.26 8.62 -0.26
N SER A 30 29.27 9.52 -0.14
CA SER A 30 28.82 10.00 1.16
C SER A 30 27.30 10.10 1.19
N THR A 31 26.76 10.20 2.41
CA THR A 31 25.32 10.33 2.63
C THR A 31 24.83 11.60 1.96
N VAL A 32 23.75 11.49 1.18
CA VAL A 32 23.24 12.60 0.38
C VAL A 32 21.76 12.39 0.08
N LYS A 33 21.03 13.49 -0.05
CA LYS A 33 19.62 13.48 -0.41
C LYS A 33 19.50 13.30 -1.92
N LEU A 34 18.59 12.41 -2.35
CA LEU A 34 18.50 12.01 -3.74
C LEU A 34 17.33 12.72 -4.41
N LEU A 35 16.11 12.49 -3.91
CA LEU A 35 14.92 13.15 -4.42
C LEU A 35 13.95 13.46 -3.28
N LYS A 36 12.87 14.17 -3.62
CA LYS A 36 11.87 14.57 -2.65
C LYS A 36 10.57 14.94 -3.37
N ASN A 37 9.44 14.50 -2.81
CA ASN A 37 8.13 14.74 -3.39
C ASN A 37 7.21 15.28 -2.29
N GLY A 38 6.97 16.59 -2.32
CA GLY A 38 6.09 17.24 -1.36
C GLY A 38 6.25 18.76 -1.36
N PRO A 39 5.50 19.49 -0.51
CA PRO A 39 5.62 20.95 -0.40
C PRO A 39 7.01 21.39 0.09
N GLU A 40 7.24 22.71 0.05
CA GLU A 40 8.52 23.29 0.41
C GLU A 40 8.86 22.95 1.87
N SER A 41 7.95 23.34 2.78
CA SER A 41 8.09 23.02 4.19
C SER A 41 7.11 21.91 4.56
N TYR A 42 7.33 21.30 5.73
CA TYR A 42 6.52 20.18 6.19
C TYR A 42 5.08 20.63 6.40
N SER A 43 4.16 19.91 5.74
CA SER A 43 2.73 20.06 5.96
C SER A 43 2.14 18.70 6.33
N TRP A 44 1.48 18.64 7.49
CA TRP A 44 1.04 17.38 8.06
C TRP A 44 -0.12 16.79 7.27
N ASN A 45 -0.95 17.68 6.71
CA ASN A 45 -2.16 17.27 5.99
C ASN A 45 -1.79 16.61 4.67
N LEU A 46 -0.74 17.12 4.00
CA LEU A 46 -0.32 16.62 2.71
C LEU A 46 0.64 15.45 2.90
N ALA A 47 0.55 14.48 1.98
CA ALA A 47 1.46 13.34 1.95
C ALA A 47 2.75 13.75 1.24
N ALA A 48 3.85 13.08 1.58
CA ALA A 48 5.16 13.37 1.01
C ALA A 48 6.12 12.21 1.25
N PHE A 49 7.28 12.28 0.60
CA PHE A 49 8.37 11.34 0.85
C PHE A 49 9.69 11.95 0.41
N GLU A 50 10.76 11.54 1.10
CA GLU A 50 12.10 12.05 0.86
C GLU A 50 13.09 10.89 0.87
N LEU A 51 13.88 10.77 -0.20
CA LEU A 51 14.78 9.64 -0.39
C LEU A 51 16.21 10.10 -0.12
N TRP A 52 16.99 9.22 0.51
CA TRP A 52 18.41 9.46 0.78
C TRP A 52 19.23 8.24 0.34
N TYR A 53 20.53 8.48 0.10
CA TYR A 53 21.52 7.43 0.13
C TYR A 53 22.21 7.46 1.48
N GLY A 54 22.37 6.28 2.09
CA GLY A 54 23.00 6.15 3.40
C GLY A 54 24.29 5.34 3.31
N LYS A 55 25.43 6.00 3.56
CA LYS A 55 26.72 5.33 3.57
C LYS A 55 26.79 4.41 4.78
N ALA A 56 27.55 3.32 4.65
CA ALA A 56 27.66 2.31 5.69
C ALA A 56 28.19 2.92 6.97
N ASN A 57 27.49 2.68 8.08
CA ASN A 57 27.86 3.16 9.40
C ASN A 57 27.81 4.69 9.43
N THR A 58 26.66 5.23 9.02
CA THR A 58 26.36 6.64 9.18
C THR A 58 24.93 6.78 9.73
N THR A 59 24.52 8.02 10.00
CA THR A 59 23.19 8.29 10.51
C THR A 59 22.46 9.23 9.53
N VAL A 60 21.43 8.68 8.86
CA VAL A 60 20.67 9.41 7.87
C VAL A 60 19.52 10.14 8.57
N THR A 61 19.50 11.48 8.46
CA THR A 61 18.49 12.30 9.09
C THR A 61 17.80 13.14 8.02
N SER A 62 16.47 13.23 8.11
CA SER A 62 15.66 13.92 7.12
C SER A 62 15.78 15.44 7.29
N ASP A 63 15.70 16.15 6.16
CA ASP A 63 15.68 17.61 6.16
C ASP A 63 14.23 18.08 6.20
N TYR A 64 13.37 17.43 5.42
CA TYR A 64 11.97 17.78 5.31
C TYR A 64 11.27 17.58 6.66
N TYR A 65 11.61 16.48 7.35
CA TYR A 65 11.02 16.16 8.64
C TYR A 65 12.01 16.50 9.76
N SER A 66 12.77 17.58 9.59
CA SER A 66 13.84 17.94 10.52
C SER A 66 13.26 18.42 11.85
N GLY A 67 12.12 19.11 11.79
CA GLY A 67 11.49 19.67 12.98
C GLY A 67 10.26 18.88 13.42
N MET A 68 10.43 17.56 13.56
CA MET A 68 9.38 16.69 14.05
C MET A 68 9.88 15.95 15.30
N THR A 69 8.95 15.63 16.21
CA THR A 69 9.28 14.92 17.44
C THR A 69 9.27 13.41 17.19
N ASN A 70 8.81 12.98 16.01
CA ASN A 70 8.82 11.58 15.63
C ASN A 70 10.27 11.12 15.47
N SER A 71 10.52 9.85 15.80
CA SER A 71 11.88 9.32 15.92
C SER A 71 12.36 8.70 14.61
N GLU A 72 11.46 8.56 13.64
CA GLU A 72 11.80 7.86 12.40
C GLU A 72 12.37 8.84 11.37
N LYS A 73 12.65 10.07 11.79
CA LYS A 73 13.34 11.04 10.94
C LYS A 73 14.83 10.70 10.87
N SER A 74 15.36 10.04 11.91
CA SER A 74 16.75 9.64 11.96
C SER A 74 16.86 8.11 11.98
N VAL A 75 17.84 7.59 11.22
CA VAL A 75 18.08 6.15 11.12
C VAL A 75 19.59 5.92 11.02
N GLU A 76 20.07 4.90 11.74
CA GLU A 76 21.44 4.42 11.60
C GLU A 76 21.46 3.23 10.64
N VAL A 77 22.45 3.23 9.74
CA VAL A 77 22.53 2.21 8.69
C VAL A 77 23.86 1.48 8.81
N ASP A 78 23.79 0.13 8.76
CA ASP A 78 24.97 -0.72 8.81
C ASP A 78 25.61 -0.78 7.43
N HIS A 79 24.80 -1.13 6.42
CA HIS A 79 25.26 -1.30 5.06
C HIS A 79 24.95 -0.04 4.25
N ASP A 80 25.49 0.02 3.03
CA ASP A 80 25.18 1.07 2.08
C ASP A 80 23.73 0.89 1.63
N SER A 81 22.91 1.92 1.85
CA SER A 81 21.46 1.77 1.77
C SER A 81 20.81 2.98 1.10
N LEU A 82 19.61 2.75 0.56
CA LEU A 82 18.65 3.82 0.29
C LEU A 82 17.69 3.90 1.47
N VAL A 83 17.36 5.12 1.88
CA VAL A 83 16.46 5.35 3.00
C VAL A 83 15.36 6.31 2.55
N LEU A 84 14.11 5.82 2.57
CA LEU A 84 12.95 6.61 2.18
C LEU A 84 12.17 7.01 3.43
N PHE A 85 12.18 8.30 3.74
CA PHE A 85 11.26 8.88 4.71
C PHE A 85 9.97 9.23 3.98
N TRP A 86 8.81 9.02 4.62
CA TRP A 86 7.53 9.31 3.99
C TRP A 86 6.44 9.51 5.04
N ASN A 87 5.35 10.13 4.61
CA ASN A 87 4.12 10.23 5.38
C ASN A 87 2.93 10.17 4.41
N GLU A 88 1.91 9.40 4.78
CA GLU A 88 0.72 9.26 3.95
C GLU A 88 -0.42 8.73 4.81
N GLY A 89 -1.61 9.32 4.64
CA GLY A 89 -2.79 8.92 5.39
C GLY A 89 -2.62 9.14 6.89
N SER A 90 -2.82 8.07 7.67
CA SER A 90 -2.72 8.14 9.12
C SER A 90 -1.26 8.11 9.59
N THR A 91 -0.35 7.70 8.69
CA THR A 91 1.06 7.61 9.03
C THR A 91 1.65 9.03 9.11
N ALA A 92 2.00 9.45 10.33
CA ALA A 92 2.57 10.76 10.56
C ALA A 92 3.99 10.81 9.99
N LEU A 93 4.76 9.74 10.24
CA LEU A 93 6.09 9.59 9.64
C LEU A 93 6.53 8.13 9.76
N SER A 94 7.22 7.65 8.72
CA SER A 94 7.83 6.33 8.71
C SER A 94 9.05 6.34 7.80
N ASN A 95 9.87 5.28 7.89
CA ASN A 95 11.02 5.13 7.02
C ASN A 95 11.07 3.70 6.49
N LYS A 96 11.93 3.50 5.48
CA LYS A 96 12.15 2.18 4.89
C LYS A 96 13.58 2.10 4.37
N VAL A 97 14.41 1.30 5.05
CA VAL A 97 15.80 1.13 4.69
C VAL A 97 15.91 -0.05 3.72
N ILE A 98 16.78 0.11 2.72
CA ILE A 98 16.95 -0.89 1.66
C ILE A 98 18.41 -0.88 1.21
N ASN A 99 18.95 -2.08 0.95
CA ASN A 99 20.37 -2.27 0.71
C ASN A 99 20.74 -1.74 -0.68
N PHE A 100 21.99 -1.29 -0.82
CA PHE A 100 22.50 -0.70 -2.05
C PHE A 100 23.89 -1.29 -2.34
N SER A 101 23.90 -2.56 -2.75
CA SER A 101 25.15 -3.26 -3.03
C SER A 101 25.66 -2.90 -4.43
N TRP A 102 24.73 -2.63 -5.35
CA TRP A 102 25.04 -2.36 -6.74
C TRP A 102 25.74 -1.01 -6.88
N ASN A 103 26.39 -0.79 -8.04
CA ASN A 103 27.05 0.45 -8.36
C ASN A 103 26.01 1.50 -8.75
N VAL A 104 25.07 1.10 -9.60
CA VAL A 104 23.93 1.93 -9.97
C VAL A 104 22.71 1.41 -9.22
N GLY A 105 21.76 2.32 -8.93
CA GLY A 105 20.55 1.94 -8.20
C GLY A 105 19.59 3.12 -8.04
N GLY A 106 18.35 2.81 -7.67
CA GLY A 106 17.32 3.82 -7.53
C GLY A 106 15.98 3.22 -7.09
N VAL A 107 14.89 3.89 -7.48
CA VAL A 107 13.55 3.49 -7.08
C VAL A 107 12.64 3.50 -8.32
N LEU A 108 11.68 2.58 -8.34
CA LEU A 108 10.68 2.52 -9.39
C LEU A 108 9.47 3.37 -8.99
N ILE A 109 8.96 4.15 -9.95
CA ILE A 109 7.77 4.96 -9.76
C ILE A 109 6.69 4.43 -10.70
N LYS A 110 5.76 3.65 -10.14
CA LYS A 110 4.66 3.09 -10.92
C LYS A 110 3.56 4.14 -11.09
N LEU A 111 3.25 4.46 -12.35
CA LEU A 111 2.18 5.38 -12.69
C LEU A 111 0.88 4.59 -12.82
N THR A 112 0.28 4.27 -11.66
CA THR A 112 -0.88 3.39 -11.60
C THR A 112 -2.12 4.10 -12.16
N SER A 113 -2.23 5.41 -11.90
CA SER A 113 -3.36 6.19 -12.37
C SER A 113 -2.95 7.65 -12.56
N ASN A 114 -3.90 8.47 -13.02
CA ASN A 114 -3.66 9.89 -13.24
C ASN A 114 -3.80 10.64 -11.92
N THR A 115 -4.35 9.99 -10.90
CA THR A 115 -4.54 10.60 -9.59
C THR A 115 -3.56 10.06 -8.56
N ARG A 116 -2.94 8.89 -8.84
CA ARG A 116 -2.08 8.25 -7.85
C ARG A 116 -0.88 7.57 -8.50
N ILE A 117 0.15 7.36 -7.66
CA ILE A 117 1.36 6.64 -8.04
C ILE A 117 1.71 5.66 -6.93
N ASP A 118 2.68 4.79 -7.21
CA ASP A 118 3.20 3.84 -6.22
C ASP A 118 4.73 3.88 -6.26
N VAL A 119 5.33 4.20 -5.12
CA VAL A 119 6.79 4.21 -4.98
C VAL A 119 7.23 2.79 -4.64
N CYS A 120 7.86 2.13 -5.63
CA CYS A 120 8.28 0.74 -5.49
C CYS A 120 9.79 0.68 -5.22
N MET A 121 10.16 -0.03 -4.15
CA MET A 121 11.55 -0.17 -3.76
C MET A 121 11.87 -1.65 -3.54
N ALA A 122 13.12 -2.02 -3.83
CA ALA A 122 13.56 -3.40 -3.72
C ALA A 122 14.98 -3.44 -3.15
N ASP A 123 15.30 -4.54 -2.47
CA ASP A 123 16.59 -4.72 -1.83
C ASP A 123 17.61 -5.11 -2.89
N MET A 124 18.43 -4.13 -3.31
CA MET A 124 19.28 -4.31 -4.49
C MET A 124 20.52 -5.11 -4.11
N ASP A 125 20.40 -6.44 -4.21
CA ASP A 125 21.49 -7.37 -4.01
C ASP A 125 21.39 -8.46 -5.08
N ASN A 126 22.41 -9.31 -5.14
CA ASN A 126 22.38 -10.50 -5.99
C ASN A 126 22.27 -11.74 -5.11
N PHE A 127 21.87 -11.54 -3.84
CA PHE A 127 21.90 -12.60 -2.84
C PHE A 127 20.63 -12.56 -1.96
N THR A 128 19.98 -11.41 -1.85
CA THR A 128 18.81 -11.26 -1.00
C THR A 128 17.68 -12.18 -1.49
N SER A 129 17.14 -11.86 -2.68
CA SER A 129 15.99 -12.56 -3.21
C SER A 129 16.43 -13.59 -4.26
N ASP A 130 15.67 -14.69 -4.34
CA ASP A 130 15.86 -15.69 -5.39
C ASP A 130 15.36 -15.11 -6.72
N SER A 131 14.24 -14.39 -6.65
CA SER A 131 13.68 -13.68 -7.79
C SER A 131 13.56 -12.20 -7.47
N PHE A 132 14.36 -11.37 -8.15
CA PHE A 132 14.33 -9.93 -7.92
C PHE A 132 12.98 -9.37 -8.39
N ASN A 133 12.46 -8.40 -7.63
CA ASN A 133 11.16 -7.83 -7.89
C ASN A 133 11.18 -6.38 -7.40
N TRP A 134 11.01 -5.44 -8.34
CA TRP A 134 11.05 -4.01 -8.03
C TRP A 134 9.93 -3.64 -7.06
N GLU A 135 8.82 -4.38 -7.12
CA GLU A 135 7.66 -4.11 -6.28
C GLU A 135 7.67 -5.04 -5.06
N GLU A 136 8.85 -5.20 -4.44
CA GLU A 136 8.99 -5.97 -3.23
C GLU A 136 8.35 -5.18 -2.08
N TRP A 137 8.81 -3.93 -1.92
CA TRP A 137 8.13 -2.96 -1.07
C TRP A 137 7.43 -1.94 -1.96
N THR A 138 6.27 -1.45 -1.49
CA THR A 138 5.46 -0.51 -2.24
C THR A 138 4.63 0.32 -1.25
N HIS A 139 4.32 1.56 -1.65
CA HIS A 139 3.35 2.36 -0.93
C HIS A 139 2.70 3.36 -1.89
N ASN A 140 1.41 3.61 -1.69
CA ASN A 140 0.57 4.35 -2.62
C ASN A 140 0.54 5.82 -2.18
N PHE A 141 0.86 6.73 -3.10
CA PHE A 141 0.82 8.17 -2.83
C PHE A 141 -0.05 8.87 -3.88
N PRO A 142 -0.52 10.11 -3.61
CA PRO A 142 -1.20 10.92 -4.62
C PRO A 142 -0.23 11.37 -5.70
N ARG A 143 -0.74 11.47 -6.94
CA ARG A 143 0.08 11.84 -8.09
C ARG A 143 0.15 13.35 -8.20
N SER A 144 1.35 13.87 -8.48
CA SER A 144 1.60 15.30 -8.60
C SER A 144 2.31 15.60 -9.91
N GLU A 145 2.46 16.89 -10.21
CA GLU A 145 3.04 17.35 -11.47
C GLU A 145 4.52 16.97 -11.54
N SER A 146 5.28 17.31 -10.50
CA SER A 146 6.73 17.29 -10.56
C SER A 146 7.32 16.65 -9.31
N MET A 147 8.63 16.37 -9.37
CA MET A 147 9.40 15.88 -8.25
C MET A 147 10.78 16.56 -8.27
N ASN A 148 11.35 16.76 -7.07
CA ASN A 148 12.63 17.43 -6.94
C ASN A 148 13.75 16.39 -6.85
N ILE A 149 14.81 16.60 -7.64
CA ILE A 149 16.01 15.79 -7.59
C ILE A 149 17.17 16.70 -7.16
N TYR A 150 18.12 16.15 -6.40
CA TYR A 150 19.17 16.95 -5.79
C TYR A 150 20.57 16.43 -6.14
N THR A 151 20.65 15.37 -6.95
CA THR A 151 21.91 14.87 -7.45
C THR A 151 21.76 14.51 -8.92
N ASP A 152 22.87 14.12 -9.56
CA ASP A 152 22.86 13.67 -10.94
C ASP A 152 22.20 12.29 -11.00
N TYR A 153 21.36 12.07 -12.01
CA TYR A 153 20.51 10.88 -12.07
C TYR A 153 20.35 10.40 -13.51
N TYR A 154 19.90 9.15 -13.64
CA TYR A 154 19.56 8.56 -14.93
C TYR A 154 18.10 8.10 -14.89
N LEU A 155 17.44 8.13 -16.05
CA LEU A 155 16.04 7.73 -16.15
C LEU A 155 15.91 6.55 -17.10
N ALA A 156 14.83 5.77 -16.91
CA ALA A 156 14.51 4.64 -17.75
C ALA A 156 13.02 4.35 -17.69
N SER A 157 12.42 4.05 -18.84
CA SER A 157 11.00 3.69 -18.93
C SER A 157 10.86 2.18 -19.11
N VAL A 158 11.99 1.46 -19.16
CA VAL A 158 12.00 0.01 -19.31
C VAL A 158 12.85 -0.56 -18.18
N ASP A 159 12.53 -1.79 -17.75
CA ASP A 159 13.18 -2.42 -16.62
C ASP A 159 14.69 -2.48 -16.84
N PRO A 160 15.50 -1.72 -16.07
CA PRO A 160 16.95 -1.69 -16.24
C PRO A 160 17.74 -2.70 -15.42
N TYR A 161 17.04 -3.67 -14.81
CA TYR A 161 17.65 -4.63 -13.90
C TYR A 161 18.90 -5.26 -14.52
N SER A 162 18.80 -5.66 -15.79
CA SER A 162 19.87 -6.37 -16.48
C SER A 162 21.15 -5.53 -16.48
N GLN A 163 21.01 -4.25 -16.81
CA GLN A 163 22.14 -3.34 -16.98
C GLN A 163 22.69 -2.92 -15.62
N ILE A 164 21.80 -2.69 -14.65
CA ILE A 164 22.18 -2.21 -13.34
C ILE A 164 23.00 -3.27 -12.61
N ARG A 165 22.48 -4.50 -12.57
CA ARG A 165 23.09 -5.57 -11.78
C ARG A 165 24.46 -5.90 -12.36
N ILE B 2 -3.20 -20.66 -3.65
CA ILE B 2 -4.38 -20.44 -2.78
C ILE B 2 -4.61 -21.68 -1.93
N THR B 3 -4.87 -21.48 -0.63
CA THR B 3 -5.04 -22.57 0.32
C THR B 3 -6.39 -22.41 1.03
N GLY B 4 -6.93 -23.54 1.49
CA GLY B 4 -8.25 -23.57 2.12
C GLY B 4 -9.04 -24.80 1.68
N PRO B 5 -10.34 -24.93 2.05
CA PRO B 5 -11.04 -23.92 2.86
C PRO B 5 -10.68 -23.94 4.34
N TYR B 6 -10.94 -22.80 5.01
CA TYR B 6 -10.64 -22.63 6.41
C TYR B 6 -11.93 -22.28 7.15
N THR B 7 -12.00 -22.61 8.45
CA THR B 7 -13.20 -22.37 9.24
C THR B 7 -12.84 -21.82 10.62
N ASN B 8 -11.68 -21.16 10.73
CA ASN B 8 -11.25 -20.57 11.99
C ASN B 8 -11.77 -19.14 12.08
N THR B 9 -12.32 -18.78 13.24
CA THR B 9 -13.00 -17.51 13.43
C THR B 9 -12.03 -16.45 13.96
N ILE B 10 -10.75 -16.80 14.10
CA ILE B 10 -9.74 -15.85 14.57
C ILE B 10 -8.46 -16.05 13.76
N ILE B 11 -8.15 -15.09 12.87
CA ILE B 11 -6.89 -15.04 12.19
C ILE B 11 -5.95 -14.12 12.96
N LYS B 12 -4.88 -14.69 13.53
CA LYS B 12 -3.79 -13.91 14.10
C LYS B 12 -2.92 -13.38 12.96
N LEU B 13 -2.64 -12.07 12.99
CA LEU B 13 -1.86 -11.43 11.94
C LEU B 13 -0.39 -11.88 12.02
N SER B 14 0.02 -12.36 13.19
CA SER B 14 1.34 -12.93 13.38
C SER B 14 1.48 -14.23 12.60
N ASP B 15 0.42 -15.06 12.62
CA ASP B 15 0.43 -16.36 11.96
C ASP B 15 0.53 -16.21 10.45
N LEU B 16 0.05 -15.08 9.91
CA LEU B 16 0.04 -14.84 8.48
C LEU B 16 1.47 -14.75 7.96
N SER B 17 1.72 -15.39 6.80
CA SER B 17 2.99 -15.32 6.12
C SER B 17 2.92 -14.26 5.02
N GLY B 18 4.00 -13.50 4.86
CA GLY B 18 4.05 -12.41 3.90
C GLY B 18 3.37 -11.15 4.43
N SER B 19 3.70 -10.01 3.81
CA SER B 19 3.14 -8.72 4.21
C SER B 19 1.82 -8.47 3.51
N ASN B 20 1.53 -9.23 2.44
CA ASN B 20 0.26 -9.14 1.74
C ASN B 20 -0.52 -10.43 1.92
N VAL B 21 -1.82 -10.30 2.22
CA VAL B 21 -2.68 -11.45 2.51
C VAL B 21 -4.03 -11.21 1.86
N TRP B 22 -4.40 -12.09 0.91
CA TRP B 22 -5.71 -12.06 0.29
C TRP B 22 -6.65 -12.99 1.05
N VAL B 23 -7.75 -12.42 1.58
CA VAL B 23 -8.77 -13.19 2.28
C VAL B 23 -9.94 -13.38 1.32
N LEU B 24 -9.99 -14.55 0.67
CA LEU B 24 -10.93 -14.83 -0.40
C LEU B 24 -12.16 -15.55 0.15
N TYR B 25 -13.23 -15.54 -0.64
CA TYR B 25 -14.50 -16.14 -0.27
C TYR B 25 -15.20 -16.68 -1.51
N GLN B 26 -15.76 -17.90 -1.40
CA GLN B 26 -16.59 -18.47 -2.45
C GLN B 26 -17.96 -17.79 -2.40
N LYS B 27 -18.37 -17.21 -3.53
CA LYS B 27 -19.55 -16.36 -3.59
C LYS B 27 -20.72 -17.05 -2.89
N PRO B 28 -21.15 -16.54 -1.71
CA PRO B 28 -22.29 -17.11 -0.98
C PRO B 28 -23.61 -17.00 -1.77
N THR B 29 -24.64 -17.69 -1.27
CA THR B 29 -25.96 -17.67 -1.87
C THR B 29 -26.90 -16.77 -1.07
N SER B 30 -26.32 -15.92 -0.21
CA SER B 30 -27.10 -15.04 0.64
C SER B 30 -26.22 -13.95 1.23
N THR B 31 -26.86 -12.84 1.65
CA THR B 31 -26.19 -11.77 2.35
C THR B 31 -25.66 -12.30 3.69
N VAL B 32 -24.35 -12.17 3.90
CA VAL B 32 -23.70 -12.78 5.06
C VAL B 32 -22.44 -11.98 5.42
N LYS B 33 -22.14 -11.94 6.72
CA LYS B 33 -20.96 -11.26 7.23
C LYS B 33 -19.73 -12.10 6.94
N LEU B 34 -18.62 -11.44 6.56
CA LEU B 34 -17.42 -12.13 6.12
C LEU B 34 -16.35 -12.06 7.20
N LEU B 35 -15.89 -10.85 7.52
CA LEU B 35 -14.86 -10.66 8.53
C LEU B 35 -15.09 -9.36 9.29
N LYS B 36 -14.31 -9.17 10.36
CA LYS B 36 -14.44 -8.02 11.24
C LYS B 36 -13.12 -7.79 11.97
N ASN B 37 -12.73 -6.53 12.10
CA ASN B 37 -11.53 -6.13 12.84
C ASN B 37 -11.90 -4.97 13.76
N GLY B 38 -11.69 -5.15 15.07
CA GLY B 38 -11.97 -4.12 16.06
C GLY B 38 -12.38 -4.72 17.40
N PRO B 39 -12.72 -3.87 18.40
CA PRO B 39 -13.16 -4.35 19.72
C PRO B 39 -14.51 -5.05 19.67
N GLU B 40 -14.91 -5.62 20.81
CA GLU B 40 -16.16 -6.36 20.91
C GLU B 40 -17.35 -5.40 20.77
N SER B 41 -17.27 -4.26 21.46
CA SER B 41 -18.32 -3.26 21.43
C SER B 41 -17.79 -1.99 20.75
N TYR B 42 -18.72 -1.09 20.39
CA TYR B 42 -18.40 0.11 19.64
C TYR B 42 -17.70 1.13 20.52
N SER B 43 -16.39 1.31 20.29
CA SER B 43 -15.65 2.44 20.83
C SER B 43 -15.42 3.45 19.71
N TRP B 44 -16.20 4.54 19.73
CA TRP B 44 -16.16 5.57 18.70
C TRP B 44 -14.74 6.12 18.53
N ASN B 45 -13.95 6.12 19.61
CA ASN B 45 -12.57 6.56 19.56
C ASN B 45 -11.72 5.57 18.74
N LEU B 46 -11.90 4.27 19.03
CA LEU B 46 -11.09 3.23 18.40
C LEU B 46 -11.61 2.96 16.99
N ALA B 47 -10.70 2.54 16.10
CA ALA B 47 -11.01 2.28 14.71
C ALA B 47 -11.41 0.81 14.53
N ALA B 48 -12.23 0.55 13.50
CA ALA B 48 -12.72 -0.79 13.21
C ALA B 48 -13.30 -0.84 11.80
N PHE B 49 -13.52 -2.07 11.31
CA PHE B 49 -14.21 -2.29 10.05
C PHE B 49 -14.89 -3.66 10.05
N GLU B 50 -15.95 -3.78 9.24
CA GLU B 50 -16.75 -5.00 9.18
C GLU B 50 -17.18 -5.22 7.74
N LEU B 51 -16.78 -6.38 7.17
CA LEU B 51 -17.01 -6.68 5.77
C LEU B 51 -18.20 -7.63 5.64
N TRP B 52 -19.02 -7.41 4.60
CA TRP B 52 -20.15 -8.26 4.27
C TRP B 52 -20.10 -8.64 2.80
N TYR B 53 -20.78 -9.74 2.47
CA TYR B 53 -21.21 -10.03 1.12
C TYR B 53 -22.68 -9.64 0.98
N GLY B 54 -23.02 -8.98 -0.12
CA GLY B 54 -24.38 -8.55 -0.39
C GLY B 54 -24.91 -9.15 -1.69
N LYS B 55 -25.94 -10.00 -1.57
CA LYS B 55 -26.62 -10.56 -2.73
C LYS B 55 -27.41 -9.44 -3.40
N ALA B 56 -27.60 -9.56 -4.73
CA ALA B 56 -28.25 -8.53 -5.51
C ALA B 56 -29.66 -8.28 -4.99
N ASN B 57 -30.02 -6.99 -4.88
CA ASN B 57 -31.35 -6.55 -4.47
C ASN B 57 -31.63 -7.01 -3.04
N THR B 58 -30.72 -6.66 -2.11
CA THR B 58 -30.90 -6.95 -0.70
C THR B 58 -30.38 -5.78 0.14
N THR B 59 -30.82 -5.72 1.40
CA THR B 59 -30.30 -4.77 2.36
C THR B 59 -29.18 -5.43 3.17
N VAL B 60 -28.06 -4.70 3.31
CA VAL B 60 -26.94 -5.15 4.12
C VAL B 60 -26.86 -4.24 5.35
N THR B 61 -27.10 -4.81 6.53
CA THR B 61 -27.10 -4.07 7.78
C THR B 61 -25.94 -4.53 8.64
N SER B 62 -25.20 -3.56 9.21
CA SER B 62 -24.06 -3.86 10.06
C SER B 62 -24.55 -4.28 11.44
N ASP B 63 -23.84 -5.27 12.02
CA ASP B 63 -24.12 -5.76 13.36
C ASP B 63 -23.33 -4.94 14.38
N TYR B 64 -22.09 -4.59 14.01
CA TYR B 64 -21.20 -3.83 14.88
C TYR B 64 -21.73 -2.40 15.05
N TYR B 65 -22.21 -1.81 13.95
CA TYR B 65 -22.76 -0.46 13.96
C TYR B 65 -24.29 -0.51 13.99
N SER B 66 -24.85 -1.54 14.65
CA SER B 66 -26.29 -1.75 14.69
C SER B 66 -26.96 -0.68 15.53
N GLY B 67 -26.30 -0.29 16.63
CA GLY B 67 -26.84 0.70 17.55
C GLY B 67 -26.23 2.09 17.31
N MET B 68 -26.23 2.53 16.04
CA MET B 68 -25.81 3.86 15.67
C MET B 68 -26.94 4.57 14.93
N THR B 69 -27.00 5.90 15.06
CA THR B 69 -28.05 6.70 14.45
C THR B 69 -27.61 7.17 13.06
N ASN B 70 -26.35 6.88 12.69
CA ASN B 70 -25.85 7.16 11.35
C ASN B 70 -26.53 6.21 10.37
N SER B 71 -26.80 6.70 9.15
CA SER B 71 -27.59 5.98 8.17
C SER B 71 -26.71 5.21 7.20
N GLU B 72 -25.39 5.21 7.44
CA GLU B 72 -24.44 4.49 6.60
C GLU B 72 -24.32 3.03 7.06
N LYS B 73 -25.01 2.69 8.16
CA LYS B 73 -25.01 1.33 8.69
C LYS B 73 -25.83 0.41 7.79
N SER B 74 -26.80 0.97 7.06
CA SER B 74 -27.66 0.21 6.16
C SER B 74 -27.40 0.64 4.71
N VAL B 75 -27.31 -0.34 3.81
CA VAL B 75 -27.09 -0.08 2.39
C VAL B 75 -27.91 -1.09 1.59
N GLU B 76 -28.49 -0.62 0.47
CA GLU B 76 -29.15 -1.48 -0.50
C GLU B 76 -28.21 -1.68 -1.69
N VAL B 77 -28.07 -2.95 -2.11
CA VAL B 77 -27.19 -3.31 -3.22
C VAL B 77 -28.05 -3.84 -4.36
N ASP B 78 -27.76 -3.39 -5.58
CA ASP B 78 -28.49 -3.81 -6.77
C ASP B 78 -27.76 -4.95 -7.46
N HIS B 79 -26.43 -5.03 -7.27
CA HIS B 79 -25.63 -6.11 -7.81
C HIS B 79 -24.99 -6.90 -6.67
N ASP B 80 -24.50 -8.11 -7.00
CA ASP B 80 -23.78 -8.93 -6.04
C ASP B 80 -22.46 -8.25 -5.70
N SER B 81 -22.30 -7.88 -4.42
CA SER B 81 -21.27 -6.93 -4.01
C SER B 81 -20.67 -7.31 -2.67
N LEU B 82 -19.47 -6.76 -2.40
CA LEU B 82 -18.91 -6.71 -1.07
C LEU B 82 -19.22 -5.34 -0.46
N VAL B 83 -19.48 -5.32 0.86
CA VAL B 83 -19.82 -4.09 1.55
C VAL B 83 -18.97 -4.00 2.81
N LEU B 84 -18.13 -2.96 2.88
CA LEU B 84 -17.28 -2.73 4.03
C LEU B 84 -17.77 -1.50 4.80
N PHE B 85 -18.28 -1.73 6.01
CA PHE B 85 -18.56 -0.67 6.96
C PHE B 85 -17.29 -0.41 7.76
N TRP B 86 -16.99 0.87 8.03
CA TRP B 86 -15.74 1.22 8.69
C TRP B 86 -15.82 2.60 9.32
N ASN B 87 -15.19 2.72 10.50
CA ASN B 87 -14.92 4.00 11.13
C ASN B 87 -13.41 4.12 11.34
N GLU B 88 -12.83 5.21 10.85
CA GLU B 88 -11.45 5.53 11.16
C GLU B 88 -11.26 7.04 11.02
N GLY B 89 -10.52 7.64 11.94
CA GLY B 89 -10.18 9.05 11.86
C GLY B 89 -11.42 9.93 11.83
N SER B 90 -11.57 10.70 10.74
CA SER B 90 -12.65 11.66 10.59
C SER B 90 -14.01 10.96 10.53
N THR B 91 -14.08 9.88 9.74
CA THR B 91 -15.35 9.21 9.47
C THR B 91 -15.81 8.41 10.69
N ALA B 92 -16.97 8.79 11.24
CA ALA B 92 -17.61 8.09 12.33
C ALA B 92 -18.15 6.74 11.86
N LEU B 93 -18.83 6.75 10.71
CA LEU B 93 -19.19 5.54 10.01
C LEU B 93 -19.25 5.88 8.52
N SER B 94 -18.76 4.93 7.72
CA SER B 94 -18.83 5.05 6.28
C SER B 94 -18.95 3.64 5.73
N ASN B 95 -19.33 3.54 4.46
CA ASN B 95 -19.41 2.24 3.82
C ASN B 95 -18.80 2.35 2.43
N LYS B 96 -18.58 1.19 1.81
CA LYS B 96 -18.03 1.15 0.47
C LYS B 96 -18.54 -0.11 -0.22
N VAL B 97 -19.40 0.08 -1.22
CA VAL B 97 -19.94 -1.01 -2.01
C VAL B 97 -19.00 -1.26 -3.18
N ILE B 98 -18.71 -2.55 -3.41
CA ILE B 98 -17.78 -2.97 -4.44
C ILE B 98 -18.30 -4.26 -5.09
N ASN B 99 -18.22 -4.32 -6.42
CA ASN B 99 -18.80 -5.42 -7.19
C ASN B 99 -18.15 -6.75 -6.83
N PHE B 100 -18.91 -7.82 -7.06
CA PHE B 100 -18.45 -9.18 -6.82
C PHE B 100 -19.08 -10.09 -7.86
N SER B 101 -18.64 -9.93 -9.12
CA SER B 101 -19.17 -10.67 -10.24
C SER B 101 -18.49 -12.04 -10.37
N TRP B 102 -17.30 -12.16 -9.78
CA TRP B 102 -16.51 -13.38 -9.87
C TRP B 102 -17.12 -14.47 -8.99
N ASN B 103 -16.77 -15.73 -9.26
CA ASN B 103 -17.24 -16.86 -8.48
C ASN B 103 -16.53 -16.89 -7.12
N VAL B 104 -15.25 -16.49 -7.13
CA VAL B 104 -14.48 -16.33 -5.90
C VAL B 104 -14.02 -14.88 -5.83
N GLY B 105 -13.86 -14.35 -4.61
CA GLY B 105 -13.45 -12.98 -4.43
C GLY B 105 -13.29 -12.61 -2.96
N GLY B 106 -12.59 -11.49 -2.71
CA GLY B 106 -12.33 -11.05 -1.36
C GLY B 106 -11.58 -9.72 -1.32
N VAL B 107 -10.71 -9.55 -0.31
CA VAL B 107 -10.02 -8.30 -0.06
C VAL B 107 -8.54 -8.59 0.18
N LEU B 108 -7.69 -7.60 -0.13
CA LEU B 108 -6.26 -7.67 0.15
C LEU B 108 -5.98 -6.93 1.46
N ILE B 109 -5.19 -7.58 2.33
CA ILE B 109 -4.77 -7.00 3.59
C ILE B 109 -3.26 -6.80 3.55
N LYS B 110 -2.83 -5.57 3.27
CA LYS B 110 -1.42 -5.22 3.24
C LYS B 110 -0.95 -4.88 4.66
N LEU B 111 0.20 -5.44 5.05
CA LEU B 111 0.83 -5.13 6.32
C LEU B 111 1.92 -4.09 6.09
N THR B 112 1.48 -2.83 5.93
CA THR B 112 2.35 -1.74 5.52
C THR B 112 3.47 -1.52 6.54
N SER B 113 3.15 -1.70 7.82
CA SER B 113 4.13 -1.60 8.89
C SER B 113 3.71 -2.46 10.06
N ASN B 114 4.46 -2.36 11.16
CA ASN B 114 4.15 -3.09 12.39
C ASN B 114 2.99 -2.43 13.13
N THR B 115 2.71 -1.16 12.82
CA THR B 115 1.71 -0.38 13.53
C THR B 115 0.49 -0.10 12.64
N ARG B 116 0.55 -0.45 11.35
CA ARG B 116 -0.44 -0.04 10.39
C ARG B 116 -0.76 -1.16 9.41
N ILE B 117 -2.03 -1.20 8.96
CA ILE B 117 -2.47 -2.05 7.88
C ILE B 117 -3.35 -1.23 6.94
N ASP B 118 -3.48 -1.71 5.70
CA ASP B 118 -4.33 -1.07 4.70
C ASP B 118 -5.26 -2.12 4.10
N VAL B 119 -6.58 -1.88 4.21
CA VAL B 119 -7.59 -2.73 3.62
C VAL B 119 -7.76 -2.32 2.16
N CYS B 120 -7.28 -3.17 1.24
CA CYS B 120 -7.29 -2.87 -0.18
C CYS B 120 -8.42 -3.64 -0.86
N MET B 121 -9.32 -2.90 -1.53
CA MET B 121 -10.47 -3.47 -2.20
C MET B 121 -10.48 -3.00 -3.65
N ALA B 122 -11.23 -3.71 -4.50
CA ALA B 122 -11.30 -3.39 -5.92
C ALA B 122 -12.58 -3.95 -6.53
N ASP B 123 -13.17 -3.18 -7.46
CA ASP B 123 -14.35 -3.60 -8.19
C ASP B 123 -14.03 -4.84 -9.03
N MET B 124 -14.55 -5.99 -8.58
CA MET B 124 -14.34 -7.26 -9.24
C MET B 124 -15.38 -7.41 -10.35
N ASP B 125 -15.17 -6.69 -11.46
CA ASP B 125 -16.11 -6.62 -12.56
C ASP B 125 -15.91 -7.84 -13.47
N ASN B 126 -16.79 -7.95 -14.47
CA ASN B 126 -16.71 -9.01 -15.46
C ASN B 126 -15.43 -8.87 -16.30
N PHE B 127 -15.14 -7.63 -16.73
CA PHE B 127 -14.06 -7.37 -17.66
C PHE B 127 -13.01 -6.46 -17.01
N THR B 128 -11.74 -6.88 -17.12
CA THR B 128 -10.61 -6.02 -16.81
C THR B 128 -9.81 -5.82 -18.09
N SER B 129 -9.42 -4.56 -18.36
CA SER B 129 -8.84 -4.17 -19.63
C SER B 129 -7.49 -4.88 -19.82
N ASP B 130 -6.60 -4.71 -18.84
CA ASP B 130 -5.25 -5.27 -18.89
C ASP B 130 -4.93 -5.94 -17.56
N SER B 131 -4.89 -5.13 -16.49
CA SER B 131 -4.51 -5.61 -15.16
C SER B 131 -5.57 -5.24 -14.15
N PHE B 132 -5.63 -6.02 -13.05
CA PHE B 132 -6.54 -5.79 -11.96
C PHE B 132 -5.77 -5.18 -10.79
N ASN B 133 -6.17 -3.95 -10.41
CA ASN B 133 -5.53 -3.26 -9.30
C ASN B 133 -6.36 -3.51 -8.04
N TRP B 134 -5.76 -4.22 -7.07
CA TRP B 134 -6.40 -4.52 -5.80
C TRP B 134 -6.45 -3.27 -4.93
N GLU B 135 -5.57 -2.29 -5.20
CA GLU B 135 -5.50 -1.06 -4.44
C GLU B 135 -6.24 0.06 -5.17
N GLU B 136 -7.39 -0.27 -5.76
CA GLU B 136 -8.28 0.72 -6.37
C GLU B 136 -8.91 1.57 -5.27
N TRP B 137 -9.45 0.89 -4.26
CA TRP B 137 -9.85 1.53 -3.02
C TRP B 137 -8.89 1.10 -1.91
N THR B 138 -8.52 2.06 -1.05
CA THR B 138 -7.59 1.80 0.04
C THR B 138 -7.93 2.72 1.20
N HIS B 139 -7.84 2.17 2.43
CA HIS B 139 -7.92 2.96 3.65
C HIS B 139 -7.14 2.25 4.75
N ASN B 140 -6.47 3.05 5.58
CA ASN B 140 -5.51 2.54 6.54
C ASN B 140 -6.14 2.46 7.93
N PHE B 141 -5.76 1.42 8.68
CA PHE B 141 -6.26 1.20 10.03
C PHE B 141 -5.10 0.86 10.95
N PRO B 142 -5.23 1.08 12.28
CA PRO B 142 -4.20 0.66 13.24
C PRO B 142 -4.15 -0.86 13.37
N ARG B 143 -2.95 -1.42 13.30
CA ARG B 143 -2.75 -2.86 13.22
C ARG B 143 -3.09 -3.50 14.56
N SER B 144 -3.83 -4.61 14.51
CA SER B 144 -4.26 -5.35 15.69
C SER B 144 -3.49 -6.67 15.76
N GLU B 145 -3.80 -7.47 16.79
CA GLU B 145 -3.25 -8.81 16.93
C GLU B 145 -3.94 -9.76 15.97
N SER B 146 -5.29 -9.70 15.93
CA SER B 146 -6.08 -10.71 15.26
C SER B 146 -7.26 -10.08 14.52
N MET B 147 -7.95 -10.91 13.72
CA MET B 147 -9.17 -10.54 13.03
C MET B 147 -10.18 -11.68 13.20
N ASN B 148 -11.47 -11.37 12.97
CA ASN B 148 -12.53 -12.37 13.08
C ASN B 148 -13.07 -12.67 11.68
N ILE B 149 -13.29 -13.97 11.42
CA ILE B 149 -13.90 -14.43 10.18
C ILE B 149 -15.19 -15.16 10.53
N TYR B 150 -16.20 -15.08 9.66
CA TYR B 150 -17.54 -15.59 9.97
C TYR B 150 -18.06 -16.52 8.87
N THR B 151 -17.27 -16.76 7.82
CA THR B 151 -17.63 -17.72 6.78
C THR B 151 -16.39 -18.47 6.33
N ASP B 152 -16.60 -19.62 5.67
CA ASP B 152 -15.51 -20.44 5.17
C ASP B 152 -14.73 -19.63 4.14
N TYR B 153 -13.40 -19.64 4.27
CA TYR B 153 -12.55 -18.70 3.54
C TYR B 153 -11.29 -19.41 3.02
N TYR B 154 -10.61 -18.74 2.08
CA TYR B 154 -9.34 -19.19 1.55
C TYR B 154 -8.31 -18.07 1.71
N LEU B 155 -7.03 -18.44 1.75
CA LEU B 155 -5.96 -17.48 1.95
C LEU B 155 -4.95 -17.60 0.81
N ALA B 156 -4.21 -16.51 0.59
CA ALA B 156 -3.14 -16.47 -0.40
C ALA B 156 -2.15 -15.38 -0.02
N SER B 157 -0.86 -15.68 -0.20
CA SER B 157 0.22 -14.74 0.11
C SER B 157 0.73 -14.08 -1.17
N VAL B 158 0.25 -14.54 -2.33
CA VAL B 158 0.62 -13.97 -3.62
C VAL B 158 -0.66 -13.66 -4.40
N ASP B 159 -0.53 -12.80 -5.40
CA ASP B 159 -1.66 -12.25 -6.13
C ASP B 159 -2.46 -13.38 -6.78
N PRO B 160 -3.71 -13.64 -6.34
CA PRO B 160 -4.52 -14.75 -6.85
C PRO B 160 -5.38 -14.45 -8.08
N TYR B 161 -5.29 -13.22 -8.60
CA TYR B 161 -6.17 -12.75 -9.66
C TYR B 161 -6.32 -13.78 -10.77
N SER B 162 -5.18 -14.32 -11.24
CA SER B 162 -5.16 -15.22 -12.37
C SER B 162 -5.94 -16.51 -12.09
N GLN B 163 -5.86 -17.01 -10.86
CA GLN B 163 -6.59 -18.20 -10.46
C GLN B 163 -8.07 -17.89 -10.35
N ILE B 164 -8.39 -16.80 -9.64
CA ILE B 164 -9.76 -16.45 -9.29
C ILE B 164 -10.59 -16.27 -10.56
N ARG B 165 -10.08 -15.44 -11.48
CA ARG B 165 -10.78 -15.18 -12.73
C ARG B 165 -9.80 -14.64 -13.78
#